data_7DVW
#
_entry.id   7DVW
#
_cell.length_a   96.390
_cell.length_b   81.976
_cell.length_c   54.386
_cell.angle_alpha   90.000
_cell.angle_beta   117.170
_cell.angle_gamma   90.000
#
_symmetry.space_group_name_H-M   'C 1 2 1'
#
loop_
_entity.id
_entity.type
_entity.pdbx_description
1 polymer '3C-like proteinase'
2 polymer 'nsp5/6 peptidyl substrate'
3 non-polymer 'DIMETHYL SULFOXIDE'
4 water water
#
loop_
_entity_poly.entity_id
_entity_poly.type
_entity_poly.pdbx_seq_one_letter_code
_entity_poly.pdbx_strand_id
1 'polypeptide(L)'
;SGFRKMAFPSGKVEGCMVQVTCGTTTLNGLWLDDVVYCPRAVICTSEDMLNPNYEDLLIRKSNHNFLVQAGNVQLRVIGH
SMQNCVLKLKVDTANPKTPKYKFVRIQPGQTFSVLACYNGSPSGVYQCAMRPNFTIKGSFLNGSCGSVGFNIDYDCVSFC
YMHHMELPTGVHAGTDLEGNFYGPFVDRQTAQAAGTDTTITVNVLAWLYAAVINGDRWFLNRFTTTLNDFNLVAMKYNYE
PLTQDHVDILGPLSAQTGIAVLDMCASLKELLQNGMNGRTILGSALLEDEFTPFDVVRQCSGVTFQ
;
A
2 'polypeptide(L)' VRQCSGVTFQSAVKRTIKGT C
#
# COMPACT_ATOMS: atom_id res chain seq x y z
N SER A 1 -2.06 25.77 4.81
CA SER A 1 -2.12 25.07 6.10
C SER A 1 -3.07 23.88 5.98
N GLY A 2 -3.12 23.03 7.02
CA GLY A 2 -3.92 21.83 7.02
C GLY A 2 -3.04 20.61 6.75
N PHE A 3 -3.52 19.44 7.19
CA PHE A 3 -2.73 18.23 6.95
C PHE A 3 -3.71 17.07 6.89
N ARG A 4 -3.77 16.42 5.73
CA ARG A 4 -4.80 15.43 5.47
C ARG A 4 -4.11 14.19 4.94
N LYS A 5 -4.74 13.04 5.17
CA LYS A 5 -4.29 11.84 4.48
C LYS A 5 -4.65 12.02 3.01
N MET A 6 -3.65 12.21 2.19
CA MET A 6 -3.80 12.63 0.80
C MET A 6 -3.31 11.53 -0.13
N ALA A 7 -4.12 11.17 -1.10
CA ALA A 7 -3.74 10.19 -2.12
C ALA A 7 -3.22 10.89 -3.36
N PHE A 8 -2.50 10.20 -4.22
CA PHE A 8 -2.18 10.76 -5.54
C PHE A 8 -3.42 10.79 -6.45
N PRO A 9 -3.52 11.80 -7.34
CA PRO A 9 -4.59 11.80 -8.32
C PRO A 9 -4.58 10.49 -9.08
N SER A 10 -5.75 9.90 -9.23
CA SER A 10 -5.83 8.50 -9.70
C SER A 10 -6.11 8.35 -11.18
N GLY A 11 -6.25 9.44 -11.93
CA GLY A 11 -6.65 9.33 -13.33
C GLY A 11 -5.74 8.48 -14.19
N LYS A 12 -4.42 8.59 -14.01
CA LYS A 12 -3.50 7.79 -14.83
C LYS A 12 -3.70 6.30 -14.62
N VAL A 13 -4.17 5.90 -13.44
CA VAL A 13 -4.41 4.47 -13.16
C VAL A 13 -5.82 4.07 -13.58
N GLU A 14 -6.81 4.98 -13.44
CA GLU A 14 -8.17 4.68 -13.85
C GLU A 14 -8.22 4.24 -15.30
N GLY A 15 -7.42 4.86 -16.15
CA GLY A 15 -7.43 4.53 -17.59
C GLY A 15 -6.80 3.20 -17.91
N CYS A 16 -6.35 2.48 -16.88
CA CYS A 16 -5.69 1.19 -17.08
C CYS A 16 -6.51 0.04 -16.54
N MET A 17 -7.61 0.30 -15.84
CA MET A 17 -8.33 -0.77 -15.16
C MET A 17 -9.27 -1.47 -16.13
N VAL A 18 -9.23 -2.82 -16.09
CA VAL A 18 -10.10 -3.63 -16.91
C VAL A 18 -10.66 -4.76 -16.04
N GLN A 19 -11.60 -5.49 -16.61
CA GLN A 19 -12.20 -6.64 -15.96
C GLN A 19 -11.67 -7.93 -16.63
N VAL A 20 -11.26 -8.91 -15.84
CA VAL A 20 -10.82 -10.20 -16.39
C VAL A 20 -11.74 -11.29 -15.86
N THR A 21 -12.18 -12.19 -16.74
CA THR A 21 -13.07 -13.29 -16.38
C THR A 21 -12.49 -14.60 -16.89
N CYS A 22 -12.45 -15.61 -16.03
CA CYS A 22 -12.11 -16.95 -16.47
C CYS A 22 -13.15 -17.86 -15.83
N GLY A 23 -13.95 -18.50 -16.66
CA GLY A 23 -15.04 -19.34 -16.15
C GLY A 23 -16.06 -18.51 -15.39
N THR A 24 -16.31 -18.86 -14.13
CA THR A 24 -17.24 -18.14 -13.27
C THR A 24 -16.55 -17.10 -12.38
N THR A 25 -15.25 -16.91 -12.49
CA THR A 25 -14.50 -15.99 -11.63
C THR A 25 -14.18 -14.72 -12.39
N THR A 26 -14.51 -13.58 -11.80
CA THR A 26 -14.21 -12.26 -12.35
C THR A 26 -13.45 -11.42 -11.33
N LEU A 27 -12.48 -10.64 -11.83
CA LEU A 27 -11.73 -9.73 -10.97
C LEU A 27 -11.16 -8.60 -11.84
N ASN A 28 -10.33 -7.72 -11.26
CA ASN A 28 -9.79 -6.60 -11.99
C ASN A 28 -8.42 -6.94 -12.53
N GLY A 29 -8.11 -6.34 -13.68
CA GLY A 29 -6.76 -6.35 -14.18
C GLY A 29 -6.27 -4.97 -14.54
N LEU A 30 -4.96 -4.90 -14.79
CA LEU A 30 -4.23 -3.67 -15.10
C LEU A 30 -3.68 -3.75 -16.51
N TRP A 31 -4.13 -2.87 -17.40
CA TRP A 31 -3.83 -2.97 -18.82
C TRP A 31 -2.77 -1.91 -19.18
N LEU A 32 -1.55 -2.33 -19.46
CA LEU A 32 -0.44 -1.44 -19.78
C LEU A 32 0.16 -1.91 -21.08
N ASP A 33 0.29 -1.03 -22.05
CA ASP A 33 0.74 -1.48 -23.40
C ASP A 33 -0.20 -2.59 -23.85
N ASP A 34 0.33 -3.69 -24.40
CA ASP A 34 -0.54 -4.79 -24.84
C ASP A 34 -0.59 -5.95 -23.84
N VAL A 35 -0.41 -5.71 -22.56
CA VAL A 35 -0.44 -6.78 -21.56
C VAL A 35 -1.44 -6.41 -20.48
N VAL A 36 -2.23 -7.39 -20.03
CA VAL A 36 -3.11 -7.23 -18.86
C VAL A 36 -2.55 -8.07 -17.72
N TYR A 37 -2.40 -7.45 -16.54
CA TYR A 37 -1.85 -8.13 -15.36
C TYR A 37 -2.98 -8.38 -14.37
N CYS A 38 -3.11 -9.60 -13.85
CA CYS A 38 -4.14 -9.85 -12.85
C CYS A 38 -3.71 -10.98 -11.93
N PRO A 39 -4.38 -11.14 -10.80
CA PRO A 39 -4.03 -12.26 -9.89
C PRO A 39 -4.26 -13.59 -10.61
N ARG A 40 -3.34 -14.51 -10.38
CA ARG A 40 -3.51 -15.79 -11.05
C ARG A 40 -4.69 -16.59 -10.49
N ALA A 41 -5.19 -16.23 -9.31
CA ALA A 41 -6.39 -16.89 -8.78
C ALA A 41 -7.61 -16.73 -9.67
N VAL A 42 -7.58 -15.85 -10.68
CA VAL A 42 -8.70 -15.82 -11.62
C VAL A 42 -8.99 -17.19 -12.27
N ILE A 43 -8.01 -18.09 -12.33
CA ILE A 43 -8.21 -19.38 -13.00
C ILE A 43 -8.80 -20.42 -12.07
N CYS A 44 -9.03 -20.09 -10.81
CA CYS A 44 -9.46 -21.05 -9.80
C CYS A 44 -10.94 -20.92 -9.53
N THR A 45 -11.62 -22.05 -9.44
CA THR A 45 -12.88 -22.09 -8.70
C THR A 45 -12.56 -22.04 -7.21
N SER A 46 -13.59 -21.82 -6.39
CA SER A 46 -13.34 -21.80 -4.95
C SER A 46 -12.87 -23.16 -4.44
N GLU A 47 -13.23 -24.25 -5.12
CA GLU A 47 -12.70 -25.54 -4.72
C GLU A 47 -11.23 -25.69 -5.08
N ASP A 48 -10.81 -25.10 -6.21
CA ASP A 48 -9.39 -25.17 -6.55
C ASP A 48 -8.51 -24.52 -5.50
N MET A 49 -9.06 -23.61 -4.68
CA MET A 49 -8.21 -22.81 -3.79
C MET A 49 -7.70 -23.60 -2.58
N LEU A 50 -8.27 -24.78 -2.30
CA LEU A 50 -7.84 -25.50 -1.11
C LEU A 50 -6.39 -25.98 -1.22
N ASN A 51 -5.97 -26.50 -2.38
CA ASN A 51 -4.58 -26.86 -2.60
C ASN A 51 -4.28 -26.78 -4.09
N PRO A 52 -4.26 -25.57 -4.64
CA PRO A 52 -4.08 -25.42 -6.08
C PRO A 52 -2.66 -25.73 -6.48
N ASN A 53 -2.54 -26.35 -7.63
CA ASN A 53 -1.26 -26.34 -8.32
C ASN A 53 -1.50 -25.49 -9.55
N TYR A 54 -0.99 -24.26 -9.50
CA TYR A 54 -1.36 -23.33 -10.55
C TYR A 54 -0.77 -23.70 -11.90
N GLU A 55 0.39 -24.36 -11.92
CA GLU A 55 0.95 -24.73 -13.21
C GLU A 55 0.06 -25.77 -13.86
N ASP A 56 -0.41 -26.73 -13.06
CA ASP A 56 -1.36 -27.72 -13.53
C ASP A 56 -2.69 -27.09 -13.96
N LEU A 57 -3.19 -26.09 -13.19
CA LEU A 57 -4.49 -25.48 -13.53
C LEU A 57 -4.39 -24.66 -14.81
N LEU A 58 -3.25 -24.01 -15.01
CA LEU A 58 -3.13 -23.08 -16.14
C LEU A 58 -2.86 -23.80 -17.44
N ILE A 59 -2.13 -24.93 -17.39
CA ILE A 59 -1.87 -25.65 -18.63
C ILE A 59 -3.18 -26.16 -19.22
N ARG A 60 -4.22 -26.30 -18.40
CA ARG A 60 -5.54 -26.70 -18.83
C ARG A 60 -6.34 -25.59 -19.49
N LYS A 61 -5.83 -24.37 -19.54
CA LYS A 61 -6.53 -23.23 -20.11
C LYS A 61 -5.89 -22.84 -21.44
N SER A 62 -6.69 -22.22 -22.29
CA SER A 62 -6.24 -21.65 -23.56
C SER A 62 -6.51 -20.15 -23.54
N ASN A 63 -5.97 -19.48 -24.55
CA ASN A 63 -6.17 -18.01 -24.60
C ASN A 63 -7.65 -17.64 -24.55
N HIS A 64 -8.51 -18.38 -25.26
CA HIS A 64 -9.91 -18.00 -25.36
C HIS A 64 -10.71 -18.28 -24.09
N ASN A 65 -10.10 -18.93 -23.08
CA ASN A 65 -10.76 -19.08 -21.78
C ASN A 65 -10.72 -17.80 -20.98
N PHE A 66 -10.04 -16.76 -21.47
CA PHE A 66 -9.91 -15.52 -20.72
C PHE A 66 -10.66 -14.42 -21.45
N LEU A 67 -11.59 -13.79 -20.75
CA LEU A 67 -12.39 -12.69 -21.26
C LEU A 67 -11.90 -11.42 -20.59
N VAL A 68 -11.45 -10.45 -21.38
CA VAL A 68 -10.97 -9.16 -20.85
C VAL A 68 -11.87 -8.07 -21.39
N GLN A 69 -12.47 -7.30 -20.50
CA GLN A 69 -13.38 -6.24 -20.90
C GLN A 69 -12.81 -4.91 -20.43
N ALA A 70 -12.63 -4.00 -21.37
CA ALA A 70 -12.18 -2.64 -21.08
C ALA A 70 -13.32 -1.71 -21.47
N GLY A 71 -14.00 -1.18 -20.48
CA GLY A 71 -15.18 -0.36 -20.76
C GLY A 71 -16.20 -1.13 -21.56
N ASN A 72 -16.48 -0.64 -22.77
CA ASN A 72 -17.45 -1.21 -23.69
C ASN A 72 -16.81 -2.08 -24.75
N VAL A 73 -15.56 -2.51 -24.56
CA VAL A 73 -14.82 -3.22 -25.60
C VAL A 73 -14.24 -4.50 -25.03
N GLN A 74 -14.42 -5.60 -25.77
CA GLN A 74 -13.74 -6.84 -25.49
C GLN A 74 -12.35 -6.81 -26.10
N LEU A 75 -11.34 -7.15 -25.31
CA LEU A 75 -9.98 -7.30 -25.80
C LEU A 75 -9.78 -8.79 -26.03
N ARG A 76 -9.21 -9.15 -27.18
CA ARG A 76 -8.91 -10.55 -27.45
C ARG A 76 -7.55 -10.90 -26.87
N VAL A 77 -7.50 -11.96 -26.07
CA VAL A 77 -6.25 -12.47 -25.51
C VAL A 77 -5.51 -13.32 -26.55
N ILE A 78 -4.23 -13.03 -26.76
CA ILE A 78 -3.43 -13.70 -27.77
C ILE A 78 -2.20 -14.39 -27.21
N GLY A 79 -1.99 -14.30 -25.90
CA GLY A 79 -0.96 -15.07 -25.21
C GLY A 79 -1.25 -15.01 -23.74
N HIS A 80 -0.72 -15.98 -23.01
CA HIS A 80 -0.78 -15.90 -21.55
C HIS A 80 0.46 -16.52 -20.93
N SER A 81 0.81 -16.06 -19.74
CA SER A 81 1.85 -16.73 -18.98
C SER A 81 1.70 -16.32 -17.52
N MET A 82 2.31 -17.08 -16.65
CA MET A 82 2.24 -16.87 -15.22
C MET A 82 3.61 -16.43 -14.75
N GLN A 83 3.64 -15.39 -13.91
CA GLN A 83 4.86 -14.89 -13.31
C GLN A 83 4.56 -14.83 -11.80
N ASN A 84 5.09 -15.76 -11.02
CA ASN A 84 4.83 -15.82 -9.58
C ASN A 84 3.32 -15.92 -9.38
N CYS A 85 2.67 -15.01 -8.63
CA CYS A 85 1.24 -15.11 -8.43
C CYS A 85 0.43 -14.19 -9.34
N VAL A 86 1.03 -13.65 -10.40
CA VAL A 86 0.29 -12.86 -11.38
C VAL A 86 0.22 -13.57 -12.73
N LEU A 87 -0.88 -13.34 -13.42
CA LEU A 87 -1.03 -13.81 -14.77
C LEU A 87 -0.85 -12.62 -15.69
N LYS A 88 -0.16 -12.85 -16.81
CA LYS A 88 0.07 -11.82 -17.84
C LYS A 88 -0.66 -12.25 -19.12
N LEU A 89 -1.68 -11.50 -19.52
CA LEU A 89 -2.46 -11.81 -20.70
C LEU A 89 -2.06 -10.84 -21.78
N LYS A 90 -1.47 -11.33 -22.86
CA LYS A 90 -1.13 -10.49 -23.99
C LYS A 90 -2.41 -10.29 -24.76
N VAL A 91 -2.74 -9.05 -25.11
CA VAL A 91 -3.96 -8.78 -25.84
C VAL A 91 -3.57 -8.16 -27.18
N ASP A 92 -4.53 -8.13 -28.10
CA ASP A 92 -4.26 -7.65 -29.46
C ASP A 92 -4.17 -6.12 -29.60
N THR A 93 -4.40 -5.35 -28.53
CA THR A 93 -4.49 -3.90 -28.59
C THR A 93 -3.69 -3.30 -27.45
N ALA A 94 -2.83 -2.34 -27.77
CA ALA A 94 -2.10 -1.60 -26.75
C ALA A 94 -3.00 -0.52 -26.16
N ASN A 95 -2.95 -0.38 -24.83
CA ASN A 95 -3.83 0.58 -24.16
C ASN A 95 -3.38 1.98 -24.56
N PRO A 96 -4.20 2.77 -25.27
CA PRO A 96 -3.75 4.11 -25.68
C PRO A 96 -3.58 5.07 -24.51
N LYS A 97 -4.15 4.74 -23.35
CA LYS A 97 -4.00 5.52 -22.14
C LYS A 97 -2.86 5.07 -21.24
N THR A 98 -1.94 4.24 -21.73
CA THR A 98 -0.86 3.77 -20.86
C THR A 98 -0.02 4.97 -20.41
N PRO A 99 0.11 5.21 -19.11
CA PRO A 99 1.02 6.26 -18.64
C PRO A 99 2.46 5.77 -18.67
N LYS A 100 3.38 6.70 -18.50
CA LYS A 100 4.73 6.31 -18.13
C LYS A 100 4.65 5.55 -16.82
N TYR A 101 5.29 4.37 -16.74
CA TYR A 101 5.12 3.60 -15.51
C TYR A 101 6.33 2.76 -15.21
N LYS A 102 6.40 2.33 -13.95
CA LYS A 102 7.35 1.34 -13.48
C LYS A 102 6.63 0.40 -12.52
N PHE A 103 7.19 -0.79 -12.34
CA PHE A 103 6.80 -1.64 -11.22
C PHE A 103 7.89 -1.58 -10.16
N VAL A 104 7.50 -1.38 -8.89
CA VAL A 104 8.43 -1.25 -7.78
C VAL A 104 7.94 -2.14 -6.66
N ARG A 105 8.88 -2.82 -5.99
CA ARG A 105 8.54 -3.55 -4.78
C ARG A 105 8.94 -2.68 -3.58
N ILE A 106 7.97 -2.30 -2.75
CA ILE A 106 8.27 -1.32 -1.69
C ILE A 106 8.72 -1.99 -0.40
N GLN A 107 9.35 -1.22 0.48
CA GLN A 107 9.74 -1.64 1.80
C GLN A 107 8.59 -1.40 2.79
N PRO A 108 8.53 -2.16 3.87
CA PRO A 108 7.58 -1.84 4.93
C PRO A 108 7.81 -0.43 5.43
N GLY A 109 6.71 0.22 5.79
CA GLY A 109 6.74 1.61 6.22
C GLY A 109 6.50 2.60 5.10
N GLN A 110 6.67 2.21 3.85
CA GLN A 110 6.31 3.09 2.74
C GLN A 110 4.80 3.16 2.50
N THR A 111 4.36 4.32 2.03
CA THR A 111 2.96 4.53 1.75
C THR A 111 2.68 4.50 0.26
N PHE A 112 1.40 4.36 -0.04
CA PHE A 112 0.96 4.35 -1.43
C PHE A 112 -0.54 4.59 -1.47
N SER A 113 -1.02 4.97 -2.66
CA SER A 113 -2.44 5.16 -2.89
C SER A 113 -3.01 3.87 -3.45
N VAL A 114 -4.24 3.56 -3.05
CA VAL A 114 -4.97 2.40 -3.58
C VAL A 114 -6.18 2.91 -4.35
N LEU A 115 -6.35 2.41 -5.58
CA LEU A 115 -7.55 2.65 -6.39
C LEU A 115 -8.44 1.43 -6.25
N ALA A 116 -9.38 1.47 -5.35
CA ALA A 116 -10.30 0.34 -5.18
C ALA A 116 -11.23 0.23 -6.40
N CYS A 117 -11.35 -0.98 -6.96
CA CYS A 117 -12.00 -1.21 -8.23
CA CYS A 117 -12.07 -1.17 -8.20
C CYS A 117 -12.89 -2.44 -8.12
N TYR A 118 -14.03 -2.42 -8.80
CA TYR A 118 -14.96 -3.54 -8.87
C TYR A 118 -15.37 -3.72 -10.32
N ASN A 119 -15.21 -4.93 -10.84
CA ASN A 119 -15.61 -5.24 -12.22
C ASN A 119 -14.98 -4.28 -13.23
N GLY A 120 -13.72 -3.90 -12.96
CA GLY A 120 -12.96 -3.02 -13.83
C GLY A 120 -13.31 -1.55 -13.68
N SER A 121 -14.20 -1.22 -12.76
CA SER A 121 -14.68 0.16 -12.60
C SER A 121 -14.16 0.76 -11.31
N PRO A 122 -13.31 1.80 -11.37
CA PRO A 122 -12.82 2.40 -10.12
C PRO A 122 -13.94 2.97 -9.26
N SER A 123 -13.81 2.73 -7.96
CA SER A 123 -14.79 3.06 -6.92
C SER A 123 -14.32 4.18 -5.99
N GLY A 124 -13.05 4.21 -5.65
CA GLY A 124 -12.56 5.18 -4.67
C GLY A 124 -11.07 5.11 -4.57
N VAL A 125 -10.49 6.12 -3.96
CA VAL A 125 -9.06 6.22 -3.79
C VAL A 125 -8.74 6.53 -2.33
N TYR A 126 -7.75 5.83 -1.78
CA TYR A 126 -7.37 6.11 -0.41
C TYR A 126 -5.89 5.86 -0.25
N GLN A 127 -5.33 6.35 0.84
CA GLN A 127 -3.91 6.25 1.11
C GLN A 127 -3.67 5.20 2.20
N CYS A 128 -2.61 4.42 2.06
CA CYS A 128 -2.30 3.47 3.15
C CYS A 128 -0.80 3.22 3.19
N ALA A 129 -0.37 2.40 4.14
CA ALA A 129 1.05 2.12 4.31
C ALA A 129 1.22 0.61 4.27
N MET A 130 2.36 0.18 3.78
CA MET A 130 2.77 -1.23 3.98
C MET A 130 3.16 -1.35 5.44
N ARG A 131 2.42 -2.18 6.20
CA ARG A 131 2.76 -2.33 7.62
C ARG A 131 4.07 -3.12 7.81
N PRO A 132 4.70 -3.02 8.97
CA PRO A 132 5.89 -3.85 9.23
C PRO A 132 5.61 -5.32 9.09
N ASN A 133 4.37 -5.77 9.34
CA ASN A 133 4.05 -7.19 9.19
C ASN A 133 3.56 -7.52 7.80
N PHE A 134 3.75 -6.60 6.85
CA PHE A 134 3.50 -6.85 5.41
C PHE A 134 2.03 -7.12 5.11
N THR A 135 1.11 -6.55 5.91
CA THR A 135 -0.28 -6.42 5.54
C THR A 135 -0.53 -4.92 5.28
N ILE A 136 -1.69 -4.61 4.69
CA ILE A 136 -2.16 -3.23 4.65
C ILE A 136 -3.53 -3.18 5.29
N LYS A 137 -3.82 -2.05 5.93
CA LYS A 137 -5.14 -1.88 6.50
C LYS A 137 -5.97 -1.15 5.44
N GLY A 138 -6.49 -1.92 4.48
CA GLY A 138 -7.23 -1.35 3.38
C GLY A 138 -8.72 -1.33 3.64
N SER A 139 -9.47 -1.10 2.57
CA SER A 139 -10.93 -1.17 2.59
C SER A 139 -11.32 -1.80 1.27
N PHE A 140 -11.66 -3.12 1.35
CA PHE A 140 -11.89 -3.91 0.14
C PHE A 140 -13.08 -4.83 0.40
N LEU A 141 -13.90 -5.01 -0.61
CA LEU A 141 -15.04 -5.91 -0.58
C LEU A 141 -14.87 -7.01 -1.64
N ASN A 142 -15.80 -7.95 -1.67
CA ASN A 142 -15.73 -8.96 -2.73
C ASN A 142 -15.78 -8.26 -4.09
N GLY A 143 -14.94 -8.73 -5.01
CA GLY A 143 -14.82 -8.12 -6.32
C GLY A 143 -13.64 -7.17 -6.45
N SER A 144 -12.99 -6.84 -5.33
CA SER A 144 -11.87 -5.87 -5.29
C SER A 144 -10.55 -6.51 -5.71
N CYS A 145 -10.49 -7.85 -5.78
CA CYS A 145 -9.25 -8.56 -6.17
C CYS A 145 -8.72 -7.98 -7.49
N GLY A 146 -7.43 -7.65 -7.54
CA GLY A 146 -6.87 -7.08 -8.77
C GLY A 146 -6.69 -5.57 -8.68
N SER A 147 -7.30 -4.92 -7.68
CA SER A 147 -7.10 -3.48 -7.49
C SER A 147 -5.63 -3.22 -7.17
N VAL A 148 -5.10 -2.06 -7.58
CA VAL A 148 -3.68 -1.76 -7.46
C VAL A 148 -3.40 -0.57 -6.54
N GLY A 149 -2.21 -0.60 -5.94
CA GLY A 149 -1.63 0.53 -5.22
C GLY A 149 -0.45 1.10 -6.00
N PHE A 150 -0.20 2.40 -5.81
CA PHE A 150 0.74 3.10 -6.66
C PHE A 150 1.20 4.38 -5.98
N ASN A 151 2.35 4.86 -6.44
CA ASN A 151 2.80 6.24 -6.19
C ASN A 151 3.04 6.92 -7.52
N ILE A 152 2.97 8.25 -7.56
CA ILE A 152 3.22 8.98 -8.79
C ILE A 152 4.33 9.96 -8.55
N ASP A 153 5.30 10.02 -9.45
CA ASP A 153 6.38 10.99 -9.37
C ASP A 153 6.59 11.57 -10.76
N TYR A 154 6.34 12.86 -10.93
CA TYR A 154 6.48 13.54 -12.22
C TYR A 154 5.88 12.73 -13.36
N ASP A 155 4.59 12.49 -13.25
CA ASP A 155 3.82 11.81 -14.29
C ASP A 155 4.26 10.37 -14.57
N CYS A 156 5.17 9.80 -13.78
CA CYS A 156 5.46 8.36 -13.88
C CYS A 156 4.76 7.61 -12.74
N VAL A 157 3.92 6.65 -13.11
CA VAL A 157 3.20 5.83 -12.12
C VAL A 157 4.09 4.67 -11.69
N SER A 158 4.46 4.61 -10.42
CA SER A 158 5.14 3.42 -9.89
C SER A 158 4.11 2.54 -9.23
N PHE A 159 3.79 1.38 -9.87
CA PHE A 159 2.82 0.48 -9.26
C PHE A 159 3.57 -0.38 -8.28
N CYS A 160 3.00 -0.56 -7.11
CA CYS A 160 3.63 -1.35 -6.05
C CYS A 160 2.80 -2.41 -5.38
N TYR A 161 1.51 -2.51 -5.65
CA TYR A 161 0.62 -3.41 -4.90
C TYR A 161 -0.50 -3.86 -5.81
N MET A 162 -0.77 -5.19 -5.79
CA MET A 162 -1.97 -5.72 -6.40
C MET A 162 -2.70 -6.51 -5.33
N HIS A 163 -3.99 -6.27 -5.16
CA HIS A 163 -4.72 -6.84 -4.05
C HIS A 163 -5.11 -8.29 -4.34
N HIS A 164 -4.89 -9.18 -3.34
CA HIS A 164 -5.29 -10.58 -3.48
C HIS A 164 -6.29 -11.06 -2.44
N MET A 165 -6.07 -10.77 -1.15
CA MET A 165 -7.01 -11.40 -0.19
C MET A 165 -7.13 -10.62 1.11
N GLU A 166 -8.11 -11.06 1.90
CA GLU A 166 -8.35 -10.48 3.22
C GLU A 166 -8.09 -11.53 4.29
N LEU A 167 -7.31 -11.19 5.30
CA LEU A 167 -6.96 -12.09 6.40
C LEU A 167 -8.01 -12.04 7.50
N PRO A 168 -7.98 -12.98 8.46
CA PRO A 168 -9.08 -13.03 9.45
C PRO A 168 -9.24 -11.78 10.30
N THR A 169 -8.18 -11.00 10.50
CA THR A 169 -8.32 -9.75 11.27
C THR A 169 -8.85 -8.60 10.43
N GLY A 170 -9.21 -8.85 9.18
CA GLY A 170 -9.78 -7.79 8.36
C GLY A 170 -8.76 -6.94 7.63
N VAL A 171 -7.48 -7.22 7.79
CA VAL A 171 -6.41 -6.57 7.05
C VAL A 171 -6.16 -7.34 5.76
N HIS A 172 -5.29 -6.81 4.91
CA HIS A 172 -5.25 -7.21 3.51
C HIS A 172 -3.84 -7.60 3.10
N ALA A 173 -3.76 -8.56 2.17
CA ALA A 173 -2.49 -9.04 1.68
C ALA A 173 -2.53 -9.14 0.17
N GLY A 174 -1.37 -8.88 -0.40
CA GLY A 174 -1.26 -8.92 -1.84
C GLY A 174 0.16 -8.91 -2.29
N THR A 175 0.35 -8.63 -3.59
CA THR A 175 1.65 -8.86 -4.22
C THR A 175 2.18 -7.57 -4.83
N ASP A 176 3.46 -7.57 -5.17
CA ASP A 176 3.96 -6.58 -6.11
C ASP A 176 3.39 -6.88 -7.50
N LEU A 177 3.74 -6.04 -8.50
CA LEU A 177 3.16 -6.24 -9.83
C LEU A 177 3.84 -7.33 -10.63
N GLU A 178 4.87 -7.92 -10.03
CA GLU A 178 5.49 -9.13 -10.60
C GLU A 178 5.00 -10.34 -9.86
N GLY A 179 3.97 -10.22 -9.04
CA GLY A 179 3.34 -11.39 -8.46
C GLY A 179 3.99 -11.97 -7.24
N ASN A 180 4.93 -11.26 -6.58
CA ASN A 180 5.53 -11.77 -5.35
C ASN A 180 4.77 -11.20 -4.16
N PHE A 181 4.20 -12.05 -3.29
CA PHE A 181 3.52 -11.55 -2.10
C PHE A 181 4.45 -10.74 -1.25
N TYR A 182 3.82 -9.79 -0.56
CA TYR A 182 4.48 -9.04 0.54
C TYR A 182 4.20 -9.92 1.76
N GLY A 183 5.23 -10.24 2.54
CA GLY A 183 5.05 -11.09 3.70
C GLY A 183 5.06 -12.57 3.34
N PRO A 184 4.65 -13.39 4.29
CA PRO A 184 4.76 -14.84 4.09
C PRO A 184 3.54 -15.48 3.45
N PHE A 185 2.62 -14.68 2.94
CA PHE A 185 1.31 -15.17 2.54
C PHE A 185 1.36 -15.87 1.19
N VAL A 186 0.37 -16.76 0.99
CA VAL A 186 0.22 -17.51 -0.25
C VAL A 186 -1.20 -17.42 -0.76
N ASP A 187 -1.36 -17.61 -2.09
CA ASP A 187 -2.72 -17.56 -2.68
C ASP A 187 -3.36 -18.95 -2.66
N ARG A 188 -3.61 -19.40 -1.44
CA ARG A 188 -4.22 -20.68 -1.17
C ARG A 188 -5.12 -20.51 0.03
N GLN A 189 -6.22 -21.27 0.05
CA GLN A 189 -7.14 -21.29 1.17
C GLN A 189 -6.54 -22.20 2.23
N THR A 190 -5.85 -21.55 3.16
CA THR A 190 -5.20 -22.25 4.26
C THR A 190 -5.05 -21.24 5.38
N ALA A 191 -4.81 -21.75 6.57
CA ALA A 191 -4.62 -20.90 7.72
C ALA A 191 -3.42 -20.00 7.47
N GLN A 192 -3.66 -18.70 7.52
CA GLN A 192 -2.64 -17.71 7.46
C GLN A 192 -3.17 -16.59 8.35
N ALA A 193 -2.27 -15.93 9.04
CA ALA A 193 -2.65 -14.85 9.93
C ALA A 193 -1.56 -13.82 9.92
N ALA A 194 -1.95 -12.55 10.12
CA ALA A 194 -0.96 -11.47 10.21
C ALA A 194 -0.11 -11.68 11.45
N GLY A 195 1.22 -11.49 11.33
CA GLY A 195 2.11 -11.51 12.48
C GLY A 195 1.88 -10.27 13.32
N THR A 196 2.44 -10.24 14.54
CA THR A 196 2.27 -9.05 15.35
C THR A 196 2.85 -7.85 14.63
N ASP A 197 2.14 -6.76 14.64
CA ASP A 197 2.61 -5.58 13.95
C ASP A 197 3.29 -4.64 14.94
N THR A 198 3.95 -3.63 14.39
CA THR A 198 4.63 -2.61 15.16
C THR A 198 4.34 -1.24 14.56
N THR A 199 4.64 -0.20 15.32
CA THR A 199 4.43 1.14 14.83
C THR A 199 5.66 1.64 14.10
N ILE A 200 5.42 2.40 13.04
CA ILE A 200 6.49 2.86 12.15
C ILE A 200 7.07 4.15 12.72
N THR A 201 8.13 4.01 13.52
CA THR A 201 8.68 5.13 14.30
C THR A 201 9.06 6.34 13.42
N VAL A 202 9.81 6.13 12.35
CA VAL A 202 10.28 7.25 11.53
C VAL A 202 9.09 8.01 10.97
N ASN A 203 7.96 7.34 10.69
CA ASN A 203 6.77 8.03 10.18
C ASN A 203 6.11 8.84 11.30
N VAL A 204 6.04 8.31 12.51
CA VAL A 204 5.47 9.12 13.60
C VAL A 204 6.27 10.41 13.78
N LEU A 205 7.61 10.30 13.73
CA LEU A 205 8.47 11.48 13.85
C LEU A 205 8.20 12.47 12.72
N ALA A 206 8.04 11.98 11.49
CA ALA A 206 7.72 12.86 10.37
C ALA A 206 6.44 13.61 10.61
N TRP A 207 5.42 12.91 11.10
CA TRP A 207 4.13 13.55 11.37
C TRP A 207 4.22 14.56 12.52
N LEU A 208 5.06 14.30 13.52
CA LEU A 208 5.31 15.34 14.56
C LEU A 208 5.94 16.57 13.94
N TYR A 209 6.86 16.40 12.98
CA TYR A 209 7.40 17.54 12.22
C TYR A 209 6.32 18.25 11.42
N ALA A 210 5.40 17.50 10.77
CA ALA A 210 4.26 18.13 10.07
C ALA A 210 3.47 18.99 11.04
N ALA A 211 3.28 18.50 12.26
CA ALA A 211 2.51 19.29 13.20
C ALA A 211 3.20 20.61 13.51
N VAL A 212 4.54 20.60 13.63
CA VAL A 212 5.29 21.83 13.91
C VAL A 212 5.24 22.80 12.71
N ILE A 213 5.45 22.28 11.50
CA ILE A 213 5.38 23.12 10.30
C ILE A 213 4.03 23.82 10.25
N ASN A 214 2.99 23.14 10.69
CA ASN A 214 1.66 23.71 10.58
C ASN A 214 1.36 24.62 11.76
N GLY A 215 2.29 24.77 12.68
CA GLY A 215 2.22 25.85 13.64
C GLY A 215 2.08 25.41 15.07
N ASP A 216 2.09 24.09 15.29
CA ASP A 216 1.83 23.47 16.61
C ASP A 216 3.15 22.99 17.27
N ARG A 217 3.33 23.31 18.56
CA ARG A 217 4.52 22.92 19.29
C ARG A 217 4.24 22.36 20.69
N TRP A 218 2.98 22.02 21.04
CA TRP A 218 2.65 21.81 22.45
C TRP A 218 3.39 20.65 23.08
N PHE A 219 3.70 19.65 22.26
CA PHE A 219 4.28 18.40 22.72
C PHE A 219 5.81 18.44 22.79
N LEU A 220 6.43 19.52 22.31
CA LEU A 220 7.87 19.64 22.39
C LEU A 220 8.35 19.77 23.84
N ASN A 221 9.63 19.54 24.05
CA ASN A 221 10.19 19.71 25.39
C ASN A 221 11.63 20.18 25.25
N ARG A 222 12.25 20.50 26.38
CA ARG A 222 13.62 20.98 26.39
C ARG A 222 14.64 19.87 26.43
N PHE A 223 14.23 18.63 26.29
CA PHE A 223 15.15 17.53 26.52
C PHE A 223 15.70 17.03 25.20
N THR A 224 16.75 16.22 25.31
CA THR A 224 17.18 15.41 24.18
C THR A 224 17.31 13.96 24.65
N THR A 225 17.73 13.11 23.73
CA THR A 225 17.94 11.70 24.06
C THR A 225 19.05 11.22 23.16
N THR A 226 19.72 10.15 23.59
CA THR A 226 20.55 9.43 22.64
C THR A 226 19.69 8.48 21.83
N LEU A 227 20.19 8.14 20.66
CA LEU A 227 19.50 7.19 19.81
C LEU A 227 19.30 5.86 20.54
N ASN A 228 20.34 5.38 21.22
CA ASN A 228 20.24 4.12 21.97
C ASN A 228 19.16 4.21 23.05
N ASP A 229 19.16 5.27 23.86
CA ASP A 229 18.14 5.40 24.90
C ASP A 229 16.73 5.55 24.31
N PHE A 230 16.59 6.27 23.18
CA PHE A 230 15.28 6.31 22.56
C PHE A 230 14.81 4.92 22.20
N ASN A 231 15.70 4.11 21.63
CA ASN A 231 15.27 2.80 21.15
C ASN A 231 14.92 1.87 22.29
N LEU A 232 15.52 2.04 23.46
CA LEU A 232 15.07 1.31 24.63
C LEU A 232 13.61 1.59 24.93
N VAL A 233 13.20 2.87 24.84
CA VAL A 233 11.80 3.19 25.08
C VAL A 233 10.94 2.71 23.93
N ALA A 234 11.40 2.88 22.69
CA ALA A 234 10.61 2.45 21.54
C ALA A 234 10.26 0.97 21.65
N MET A 235 11.26 0.16 21.99
CA MET A 235 11.00 -1.28 22.10
C MET A 235 9.91 -1.56 23.12
N LYS A 236 9.89 -0.80 24.24
CA LYS A 236 8.86 -1.02 25.27
C LYS A 236 7.45 -0.74 24.76
N TYR A 237 7.28 0.18 23.79
CA TYR A 237 5.97 0.58 23.31
C TYR A 237 5.63 -0.03 21.96
N ASN A 238 6.38 -1.08 21.55
CA ASN A 238 6.10 -1.77 20.28
C ASN A 238 6.30 -0.83 19.07
N TYR A 239 7.29 0.04 19.17
CA TYR A 239 7.72 0.87 18.04
C TYR A 239 8.96 0.23 17.43
N GLU A 240 9.10 0.36 16.12
CA GLU A 240 10.29 -0.15 15.44
C GLU A 240 11.53 0.62 15.89
N PRO A 241 12.68 -0.02 15.91
CA PRO A 241 13.91 0.72 16.19
C PRO A 241 14.11 1.82 15.15
N LEU A 242 14.60 2.98 15.61
CA LEU A 242 14.98 4.08 14.72
C LEU A 242 16.45 3.87 14.37
N THR A 243 16.77 3.85 13.08
CA THR A 243 18.16 3.71 12.65
C THR A 243 18.78 5.06 12.32
N GLN A 244 20.12 5.06 12.18
CA GLN A 244 20.79 6.28 11.75
C GLN A 244 20.36 6.69 10.35
N ASP A 245 20.03 5.73 9.48
CA ASP A 245 19.50 6.09 8.18
C ASP A 245 18.19 6.84 8.30
N HIS A 246 17.29 6.39 9.20
CA HIS A 246 16.06 7.15 9.43
C HIS A 246 16.35 8.53 9.92
N VAL A 247 17.32 8.65 10.82
CA VAL A 247 17.73 9.98 11.28
C VAL A 247 18.15 10.85 10.10
N ASP A 248 19.00 10.32 9.21
CA ASP A 248 19.42 11.07 8.03
C ASP A 248 18.22 11.47 7.16
N ILE A 249 17.25 10.56 6.98
CA ILE A 249 16.09 10.83 6.12
C ILE A 249 15.28 11.99 6.67
N LEU A 250 15.24 12.14 7.99
CA LEU A 250 14.53 13.24 8.65
C LEU A 250 15.33 14.54 8.68
N GLY A 251 16.51 14.58 8.09
CA GLY A 251 17.33 15.77 8.01
C GLY A 251 16.60 16.99 7.46
N PRO A 252 16.03 16.89 6.24
CA PRO A 252 15.34 18.07 5.69
C PRO A 252 14.24 18.62 6.59
N LEU A 253 13.41 17.76 7.21
CA LEU A 253 12.37 18.29 8.09
C LEU A 253 12.98 18.93 9.33
N SER A 254 14.03 18.32 9.86
CA SER A 254 14.76 18.90 10.98
C SER A 254 15.32 20.27 10.63
N ALA A 255 15.87 20.41 9.42
CA ALA A 255 16.45 21.69 9.03
C ALA A 255 15.38 22.76 8.81
N GLN A 256 14.21 22.38 8.31
CA GLN A 256 13.14 23.35 8.08
C GLN A 256 12.58 23.89 9.40
N THR A 257 12.51 23.05 10.43
CA THR A 257 11.87 23.41 11.70
C THR A 257 12.85 23.84 12.78
N GLY A 258 14.14 23.58 12.61
CA GLY A 258 15.07 23.89 13.66
C GLY A 258 15.02 22.97 14.87
N ILE A 259 14.36 21.81 14.74
CA ILE A 259 14.27 20.83 15.82
C ILE A 259 15.17 19.65 15.45
N ALA A 260 16.24 19.45 16.22
CA ALA A 260 17.14 18.30 15.98
C ALA A 260 16.35 17.00 16.05
N VAL A 261 16.71 16.02 15.20
CA VAL A 261 15.99 14.75 15.20
C VAL A 261 15.94 14.14 16.62
N LEU A 262 17.09 14.08 17.28
CA LEU A 262 17.10 13.51 18.63
C LEU A 262 16.25 14.31 19.60
N ASP A 263 16.03 15.61 19.32
CA ASP A 263 15.12 16.35 20.18
C ASP A 263 13.67 15.97 19.91
N MET A 264 13.34 15.73 18.62
CA MET A 264 11.99 15.25 18.36
C MET A 264 11.81 13.87 18.98
N CYS A 265 12.88 13.06 19.01
CA CYS A 265 12.80 11.76 19.68
C CYS A 265 12.49 11.91 21.16
N ALA A 266 13.06 12.93 21.82
CA ALA A 266 12.75 13.18 23.23
C ALA A 266 11.30 13.61 23.42
N SER A 267 10.76 14.37 22.45
CA SER A 267 9.35 14.67 22.47
C SER A 267 8.49 13.41 22.37
N LEU A 268 8.81 12.53 21.41
CA LEU A 268 8.03 11.31 21.25
C LEU A 268 8.13 10.40 22.47
N LYS A 269 9.32 10.27 23.05
CA LYS A 269 9.45 9.48 24.27
C LYS A 269 8.51 10.01 25.35
N GLU A 270 8.46 11.34 25.53
CA GLU A 270 7.55 11.90 26.52
C GLU A 270 6.09 11.60 26.17
N LEU A 271 5.71 11.71 24.89
CA LEU A 271 4.35 11.38 24.50
C LEU A 271 4.01 9.92 24.80
N LEU A 272 4.95 8.98 24.53
CA LEU A 272 4.69 7.57 24.80
C LEU A 272 4.54 7.32 26.29
N GLN A 273 5.35 8.01 27.10
CA GLN A 273 5.37 7.78 28.54
C GLN A 273 4.17 8.41 29.25
N ASN A 274 3.66 9.53 28.76
CA ASN A 274 2.61 10.25 29.45
C ASN A 274 1.27 10.23 28.74
N GLY A 275 1.22 9.84 27.48
CA GLY A 275 0.00 10.00 26.73
C GLY A 275 -0.23 11.45 26.32
N MET A 276 -1.41 11.68 25.75
CA MET A 276 -1.74 13.01 25.26
C MET A 276 -2.53 13.83 26.25
N ASN A 277 -3.08 13.18 27.28
CA ASN A 277 -3.94 13.79 28.31
C ASN A 277 -4.96 14.76 27.70
N GLY A 278 -5.79 14.20 26.82
CA GLY A 278 -6.91 14.92 26.27
C GLY A 278 -6.60 15.86 25.12
N ARG A 279 -5.34 15.96 24.71
CA ARG A 279 -4.96 16.88 23.64
C ARG A 279 -4.90 16.12 22.31
N THR A 280 -4.91 16.86 21.21
CA THR A 280 -4.77 16.26 19.90
C THR A 280 -3.59 16.84 19.14
N ILE A 281 -3.15 16.13 18.12
CA ILE A 281 -2.10 16.59 17.23
C ILE A 281 -2.64 16.42 15.81
N LEU A 282 -2.70 17.51 15.05
CA LEU A 282 -3.19 17.42 13.68
C LEU A 282 -4.55 16.73 13.64
N GLY A 283 -5.39 17.05 14.63
CA GLY A 283 -6.73 16.49 14.69
C GLY A 283 -6.82 15.04 15.12
N SER A 284 -5.74 14.41 15.57
CA SER A 284 -5.76 13.02 15.98
C SER A 284 -5.44 12.87 17.46
N ALA A 285 -6.13 11.95 18.13
CA ALA A 285 -5.84 11.60 19.52
C ALA A 285 -4.91 10.39 19.66
N LEU A 286 -4.41 9.87 18.55
CA LEU A 286 -3.40 8.82 18.54
C LEU A 286 -2.23 9.30 17.69
N LEU A 287 -1.07 8.70 17.93
CA LEU A 287 0.10 9.03 17.14
C LEU A 287 0.00 8.34 15.79
N GLU A 288 0.10 9.10 14.72
CA GLU A 288 -0.16 8.61 13.37
C GLU A 288 1.14 8.17 12.72
N ASP A 289 1.13 6.97 12.08
CA ASP A 289 2.34 6.42 11.52
C ASP A 289 2.24 6.14 10.02
N GLU A 290 1.22 6.69 9.35
CA GLU A 290 1.04 6.39 7.90
C GLU A 290 1.44 7.57 6.99
N PHE A 291 2.29 8.47 7.48
CA PHE A 291 2.91 9.48 6.62
C PHE A 291 4.41 9.31 6.67
N THR A 292 5.03 9.13 5.50
CA THR A 292 6.48 9.09 5.45
C THR A 292 7.08 10.51 5.47
N PRO A 293 8.37 10.63 5.76
CA PRO A 293 9.05 11.94 5.63
C PRO A 293 8.82 12.57 4.27
N PHE A 294 8.80 11.79 3.19
CA PHE A 294 8.56 12.38 1.87
C PHE A 294 7.13 12.86 1.75
N ASP A 295 6.19 12.15 2.34
CA ASP A 295 4.78 12.59 2.30
C ASP A 295 4.64 13.93 2.99
N VAL A 296 5.31 14.10 4.12
CA VAL A 296 5.19 15.35 4.84
C VAL A 296 5.76 16.49 3.99
N VAL A 297 6.96 16.32 3.47
CA VAL A 297 7.58 17.35 2.62
C VAL A 297 6.71 17.70 1.44
N ARG A 298 6.11 16.68 0.81
CA ARG A 298 5.27 16.91 -0.40
C ARG A 298 4.02 17.72 -0.05
N GLN A 299 3.44 17.50 1.14
CA GLN A 299 2.18 18.13 1.48
C GLN A 299 2.33 19.46 2.22
N CYS A 300 3.38 19.61 3.02
CA CYS A 300 3.49 20.78 3.85
C CYS A 300 4.18 21.89 3.09
N SER A 301 3.90 23.10 3.54
CA SER A 301 4.61 24.23 3.00
C SER A 301 6.10 24.05 3.27
N GLY A 302 6.91 24.71 2.43
CA GLY A 302 8.35 24.79 2.67
C GLY A 302 8.75 25.91 3.59
N VAL A 303 7.75 26.69 4.05
CA VAL A 303 7.93 27.77 5.02
C VAL A 303 7.17 27.38 6.29
N THR A 304 7.88 27.29 7.41
CA THR A 304 7.26 26.91 8.68
C THR A 304 6.49 28.10 9.24
N PHE A 305 5.32 27.79 9.81
CA PHE A 305 4.52 28.82 10.52
C PHE A 305 5.17 29.03 11.88
N GLN A 306 6.00 30.06 11.98
CA GLN A 306 6.84 30.34 13.15
C GLN A 306 6.12 30.99 14.34
N SER B 5 -9.79 -18.21 11.39
CA SER B 5 -10.48 -18.57 10.17
C SER B 5 -9.52 -19.08 9.10
N GLY B 6 -9.95 -19.00 7.84
CA GLY B 6 -9.05 -19.16 6.71
C GLY B 6 -8.69 -17.79 6.19
N VAL B 7 -8.76 -17.57 4.88
CA VAL B 7 -8.63 -16.25 4.29
C VAL B 7 -9.79 -16.07 3.34
N THR B 8 -9.96 -14.84 2.85
CA THR B 8 -11.05 -14.54 1.93
C THR B 8 -10.45 -13.98 0.65
N PHE B 9 -10.54 -14.74 -0.43
CA PHE B 9 -10.18 -14.21 -1.72
C PHE B 9 -11.33 -13.34 -2.16
N GLN B 10 -11.01 -12.26 -2.84
CA GLN B 10 -12.03 -11.25 -3.05
C GLN B 10 -12.32 -11.07 -4.52
N SER B 11 -12.31 -12.16 -5.27
CA SER B 11 -12.86 -12.07 -6.60
C SER B 11 -14.38 -11.91 -6.50
N ALA B 12 -15.04 -11.85 -7.65
CA ALA B 12 -16.49 -11.83 -7.75
C ALA B 12 -17.00 -13.08 -8.49
N VAL B 13 -18.27 -13.39 -8.27
CA VAL B 13 -18.92 -14.46 -9.04
C VAL B 13 -19.53 -13.90 -10.33
#